data_6EVV
#
_entry.id   6EVV
#
_cell.length_a   67.875
_cell.length_b   113.595
_cell.length_c   208.034
_cell.angle_alpha   90.000
_cell.angle_beta   90.000
_cell.angle_gamma   90.000
#
_symmetry.space_group_name_H-M   'I 2 2 2'
#
loop_
_entity.id
_entity.type
_entity.pdbx_description
1 polymer Prothrombin
2 polymer Prothrombin
3 polymer 'NU172, DNA (26-MER)'
4 branched 'N-acetyl-alpha-neuraminic acid-(2-6)-beta-D-galactopyranose-(1-4)-2-acetamido-2-deoxy-beta-D-glucopyranose-(1-2)-alpha-D-mannopyranose-(1-6)-[alpha-D-mannopyranose-(1-3)]beta-D-mannopyranose-(1-4)-2-acetamido-2-deoxy-beta-D-glucopyranose-(1-4)-2-acetamido-2-deoxy-beta-D-glucopyranose'
5 non-polymer D-phenylalanyl-N-[(2S,3S)-6-{[amino(iminio)methyl]amino}-1-chloro-2-hydroxyhexan-3-yl]-L-prolinamide
6 non-polymer 'SODIUM ION'
7 non-polymer 'POTASSIUM ION'
8 non-polymer GLYCEROL
9 water water
#
loop_
_entity_poly.entity_id
_entity_poly.type
_entity_poly.pdbx_seq_one_letter_code
_entity_poly.pdbx_strand_id
1 'polypeptide(L)' TFGSGEADCGLRPLFEKKSLEDKTERELLESYIDGR L
2 'polypeptide(L)'
;IVEGSDAEIGMSPWQVMLFRKSPQELLCGASLISDRWVLTAAHCLLYPPWDKNFTENDLLVRIGKHSRTRYERNIEKISM
LEKIYIHPRYNWRENLDRDIALMKLKKPVAFSDYIHPVCLPDRETAASLLQAGYKGRVTGWGNLKETWTANVGKGQPSVL
QVVNLPIVERPVCKDSTRIRITDNMFCAGYKPDEGKRGDACEGDSGGPFVMKSPFNNRWYQMGIVSWGEGCDRDGKYGFY
THVFRLKKWIQKVIDQFGE
;
H
3 'polydeoxyribonucleotide'
;(DC)(DG)(DC)(DC)(DT)(DA)(DG)(DG)(DT)(DT)(DG)(DG)(DG)(DT)(DA)(DG)(DG)(DG)(DT)(DG)
(DG)(DT)(DG)(DG)(DC)(DG)
;
E
#
# COMPACT_ATOMS: atom_id res chain seq x y z
N THR A 1 0.77 -9.37 -19.78
CA THR A 1 2.25 -9.08 -19.85
C THR A 1 2.58 -7.94 -18.87
N PHE A 2 3.73 -8.05 -18.21
CA PHE A 2 4.16 -7.06 -17.23
C PHE A 2 4.23 -5.63 -17.80
N GLY A 3 4.86 -5.46 -18.95
CA GLY A 3 5.02 -4.14 -19.55
C GLY A 3 6.36 -3.56 -19.13
N SER A 4 6.51 -2.25 -19.23
CA SER A 4 7.76 -1.57 -18.86
C SER A 4 7.89 -1.32 -17.35
N GLY A 5 9.13 -1.16 -16.90
CA GLY A 5 9.39 -0.79 -15.51
C GLY A 5 10.12 -1.73 -14.58
N GLU A 6 10.19 -3.01 -14.92
CA GLU A 6 10.80 -3.96 -13.99
C GLU A 6 12.26 -3.71 -13.71
N ALA A 7 13.04 -3.47 -14.76
CA ALA A 7 14.47 -3.27 -14.57
C ALA A 7 14.79 -2.16 -13.58
N ASP A 8 14.06 -1.06 -13.70
CA ASP A 8 14.33 0.10 -12.86
C ASP A 8 13.40 0.20 -11.62
N CYS A 9 12.68 -0.86 -11.29
CA CYS A 9 11.75 -0.78 -10.19
C CYS A 9 12.40 -0.44 -8.86
N GLY A 10 11.63 0.17 -7.97
CA GLY A 10 12.11 0.49 -6.63
C GLY A 10 13.20 1.55 -6.48
N LEU A 11 13.57 2.23 -7.56
CA LEU A 11 14.59 3.29 -7.50
C LEU A 11 13.91 4.60 -7.88
N ARG A 12 13.79 5.48 -6.89
CA ARG A 12 13.10 6.76 -7.08
C ARG A 12 13.90 7.83 -7.80
N PRO A 13 13.28 8.44 -8.81
CA PRO A 13 13.90 9.50 -9.60
C PRO A 13 14.44 10.66 -8.77
N LEU A 14 13.73 11.05 -7.73
CA LEU A 14 14.17 12.18 -6.91
C LEU A 14 14.96 11.79 -5.69
N PHE A 15 15.31 10.51 -5.57
CA PHE A 15 16.10 10.08 -4.43
C PHE A 15 17.24 9.15 -4.79
N GLU A 16 16.98 7.86 -4.91
CA GLU A 16 18.07 6.96 -5.24
C GLU A 16 18.83 7.47 -6.47
N LYS A 17 18.10 7.81 -7.53
CA LYS A 17 18.70 8.30 -8.77
C LYS A 17 19.54 9.60 -8.64
N LYS A 18 19.29 10.42 -7.62
CA LYS A 18 20.05 11.65 -7.42
C LYS A 18 20.90 11.49 -6.16
N SER A 19 21.03 10.26 -5.70
CA SER A 19 21.81 9.95 -4.52
C SER A 19 21.40 10.76 -3.29
N LEU A 20 20.10 10.97 -3.13
CA LEU A 20 19.55 11.70 -1.98
C LEU A 20 18.71 10.75 -1.14
N GLU A 21 18.78 10.94 0.17
CA GLU A 21 18.05 10.13 1.12
C GLU A 21 16.80 10.84 1.58
N ASP A 22 15.66 10.15 1.63
CA ASP A 22 14.46 10.81 2.13
C ASP A 22 14.75 11.04 3.63
N LYS A 23 13.92 11.79 4.32
CA LYS A 23 14.23 12.12 5.70
C LYS A 23 14.17 10.97 6.69
N THR A 24 13.55 9.85 6.35
CA THR A 24 13.41 8.80 7.36
C THR A 24 13.89 7.38 7.01
N GLU A 25 14.41 7.18 5.79
CA GLU A 25 14.87 5.84 5.41
C GLU A 25 15.94 5.31 6.33
N ARG A 26 16.71 6.21 6.90
CA ARG A 26 17.78 5.85 7.83
C ARG A 26 17.19 4.97 8.92
N GLU A 27 16.03 5.36 9.42
CA GLU A 27 15.38 4.64 10.50
C GLU A 27 15.13 3.20 10.05
N LEU A 28 14.74 3.04 8.78
CA LEU A 28 14.47 1.72 8.23
C LEU A 28 15.72 0.88 8.25
N LEU A 29 16.76 1.38 7.59
CA LEU A 29 18.04 0.70 7.48
C LEU A 29 18.55 0.27 8.84
N GLU A 30 18.48 1.18 9.80
CA GLU A 30 18.96 0.85 11.13
C GLU A 30 18.18 -0.26 11.81
N SER A 31 16.92 -0.43 11.44
CA SER A 31 16.10 -1.47 12.05
C SER A 31 16.63 -2.86 11.73
N TYR A 32 17.40 -2.98 10.64
CA TYR A 32 17.95 -4.29 10.27
C TYR A 32 19.15 -4.73 11.15
N ILE A 33 19.65 -3.83 11.99
CA ILE A 33 20.77 -4.11 12.85
C ILE A 33 20.23 -4.47 14.23
N ILE B 1 -3.63 7.41 7.73
CA ILE B 1 -2.39 7.19 8.53
C ILE B 1 -2.46 7.91 9.87
N VAL B 2 -2.41 7.15 10.94
CA VAL B 2 -2.45 7.76 12.27
C VAL B 2 -1.00 7.97 12.76
N GLU B 3 -0.75 9.17 13.30
CA GLU B 3 0.56 9.57 13.83
C GLU B 3 1.71 9.46 12.83
N GLY B 4 1.42 9.76 11.57
CA GLY B 4 2.43 9.73 10.55
C GLY B 4 2.92 11.13 10.36
N SER B 5 3.27 11.48 9.12
CA SER B 5 3.75 12.83 8.80
C SER B 5 3.71 13.05 7.30
N ASP B 6 3.73 14.31 6.88
CA ASP B 6 3.65 14.62 5.44
C ASP B 6 4.80 13.98 4.70
N ALA B 7 4.47 13.45 3.53
CA ALA B 7 5.45 12.82 2.68
C ALA B 7 6.21 13.92 1.98
N GLU B 8 7.38 13.59 1.48
CA GLU B 8 8.17 14.54 0.71
C GLU B 8 7.80 14.31 -0.74
N ILE B 9 7.90 15.33 -1.57
CA ILE B 9 7.57 15.16 -2.97
C ILE B 9 8.36 14.01 -3.59
N GLY B 10 7.66 13.18 -4.36
CA GLY B 10 8.29 12.03 -5.05
C GLY B 10 8.92 10.98 -4.18
N MET B 11 8.55 10.96 -2.90
CA MET B 11 9.07 10.00 -1.92
C MET B 11 8.45 8.63 -2.09
N SER B 12 7.25 8.57 -2.67
CA SER B 12 6.54 7.30 -2.88
C SER B 12 5.86 7.37 -4.26
N PRO B 13 6.67 7.38 -5.32
CA PRO B 13 6.19 7.53 -6.69
C PRO B 13 5.34 6.40 -7.20
N TRP B 14 5.25 5.32 -6.43
CA TRP B 14 4.42 4.17 -6.78
C TRP B 14 3.05 4.28 -6.16
N GLN B 15 2.85 5.32 -5.37
CA GLN B 15 1.57 5.55 -4.71
C GLN B 15 0.48 5.84 -5.73
N VAL B 16 -0.63 5.14 -5.57
CA VAL B 16 -1.76 5.31 -6.46
C VAL B 16 -3.03 5.57 -5.64
N MET B 17 -3.93 6.35 -6.23
CA MET B 17 -5.18 6.70 -5.57
C MET B 17 -6.34 6.06 -6.32
N LEU B 18 -7.09 5.19 -5.65
CA LEU B 18 -8.26 4.56 -6.28
C LEU B 18 -9.43 5.52 -6.06
N PHE B 19 -9.98 6.00 -7.17
CA PHE B 19 -11.00 7.04 -7.11
C PHE B 19 -12.31 6.62 -7.78
N ARG B 20 -13.41 6.92 -7.12
CA ARG B 20 -14.73 6.63 -7.65
C ARG B 20 -15.16 7.74 -8.64
N LYS B 21 -15.67 7.37 -9.80
CA LYS B 21 -16.13 8.37 -10.77
C LYS B 21 -17.30 9.18 -10.26
N SER B 22 -18.40 8.51 -9.93
CA SER B 22 -19.61 9.19 -9.47
C SER B 22 -20.35 8.48 -8.33
N PRO B 23 -20.45 9.13 -7.18
CA PRO B 23 -19.90 10.45 -6.90
C PRO B 23 -18.38 10.43 -6.79
N GLN B 24 -17.74 11.58 -7.02
CA GLN B 24 -16.31 11.68 -6.94
C GLN B 24 -15.80 11.53 -5.53
N GLU B 25 -15.29 10.36 -5.18
CA GLU B 25 -14.72 10.18 -3.86
C GLU B 25 -13.49 9.27 -3.89
N LEU B 26 -12.55 9.57 -3.00
CA LEU B 26 -11.35 8.78 -2.87
C LEU B 26 -11.74 7.49 -2.15
N LEU B 27 -11.49 6.32 -2.75
CA LEU B 27 -11.89 5.07 -2.12
C LEU B 27 -10.78 4.37 -1.34
N CYS B 28 -9.60 4.34 -1.94
CA CYS B 28 -8.48 3.63 -1.36
C CYS B 28 -7.15 4.02 -1.95
N GLY B 29 -6.13 3.36 -1.43
CA GLY B 29 -4.79 3.50 -1.93
C GLY B 29 -4.53 2.30 -2.82
N ALA B 30 -3.41 2.35 -3.52
CA ALA B 30 -3.00 1.29 -4.42
C ALA B 30 -1.52 1.54 -4.76
N SER B 31 -0.91 0.67 -5.56
CA SER B 31 0.51 0.80 -5.87
C SER B 31 0.79 0.43 -7.32
N LEU B 32 1.75 1.13 -7.92
CA LEU B 32 2.11 0.93 -9.32
C LEU B 32 3.24 -0.10 -9.43
N ILE B 33 3.01 -1.18 -10.18
CA ILE B 33 4.05 -2.18 -10.30
C ILE B 33 4.67 -2.29 -11.69
N SER B 34 4.08 -1.59 -12.65
CA SER B 34 4.58 -1.54 -14.01
C SER B 34 3.86 -0.40 -14.69
N ASP B 35 4.03 -0.27 -16.00
CA ASP B 35 3.35 0.80 -16.73
C ASP B 35 1.87 0.52 -16.94
N ARG B 36 1.43 -0.70 -16.64
CA ARG B 36 0.02 -1.04 -16.87
C ARG B 36 -0.64 -1.89 -15.78
N TRP B 37 0.06 -2.15 -14.69
CA TRP B 37 -0.51 -2.94 -13.61
C TRP B 37 -0.45 -2.18 -12.29
N VAL B 38 -1.54 -2.27 -11.54
CA VAL B 38 -1.69 -1.63 -10.25
C VAL B 38 -2.20 -2.66 -9.26
N LEU B 39 -1.67 -2.60 -8.05
CA LEU B 39 -2.04 -3.55 -7.02
C LEU B 39 -2.82 -2.81 -5.95
N THR B 40 -3.84 -3.45 -5.40
CA THR B 40 -4.63 -2.84 -4.36
C THR B 40 -5.22 -3.96 -3.51
N ALA B 41 -6.09 -3.60 -2.57
CA ALA B 41 -6.72 -4.62 -1.72
C ALA B 41 -8.05 -4.96 -2.36
N ALA B 42 -8.45 -6.22 -2.21
CA ALA B 42 -9.70 -6.70 -2.79
C ALA B 42 -10.94 -6.03 -2.19
N HIS B 43 -10.93 -5.80 -0.89
CA HIS B 43 -12.08 -5.22 -0.21
C HIS B 43 -12.33 -3.80 -0.69
N CYS B 44 -11.35 -3.19 -1.32
CA CYS B 44 -11.54 -1.83 -1.87
C CYS B 44 -12.50 -1.85 -3.06
N LEU B 45 -12.59 -3.00 -3.71
CA LEU B 45 -13.43 -3.16 -4.87
C LEU B 45 -14.63 -4.05 -4.57
N LEU B 46 -14.45 -5.05 -3.71
CA LEU B 46 -15.52 -5.97 -3.44
C LEU B 46 -15.67 -6.33 -1.97
N TYR B 47 -16.80 -5.93 -1.39
CA TYR B 47 -17.09 -6.26 -0.02
C TYR B 47 -18.61 -6.31 0.20
N PRO B 48 -19.20 -7.46 -0.16
CA PRO B 48 -20.64 -7.69 -0.07
C PRO B 48 -21.30 -7.28 1.24
N PRO B 49 -20.75 -7.66 2.39
CA PRO B 49 -21.42 -7.30 3.63
C PRO B 49 -21.75 -5.82 3.75
N TRP B 50 -21.10 -4.98 2.95
CA TRP B 50 -21.34 -3.53 2.94
C TRP B 50 -21.85 -3.07 1.58
N ASP B 51 -22.44 -3.99 0.80
CA ASP B 51 -22.91 -3.61 -0.52
C ASP B 51 -21.84 -3.02 -1.39
N LYS B 52 -20.59 -3.43 -1.23
CA LYS B 52 -19.57 -2.88 -2.11
C LYS B 52 -19.22 -3.88 -3.24
N ASN B 53 -19.23 -3.38 -4.47
CA ASN B 53 -18.91 -4.22 -5.61
C ASN B 53 -18.80 -3.38 -6.86
N PHE B 54 -17.66 -2.74 -7.04
CA PHE B 54 -17.41 -1.89 -8.18
C PHE B 54 -16.94 -2.72 -9.36
N THR B 55 -16.99 -2.07 -10.52
CA THR B 55 -16.53 -2.69 -11.76
C THR B 55 -15.68 -1.64 -12.45
N GLU B 56 -14.95 -2.10 -13.46
CA GLU B 56 -14.02 -1.28 -14.19
C GLU B 56 -14.48 0.14 -14.52
N ASN B 57 -15.73 0.29 -14.98
CA ASN B 57 -16.19 1.63 -15.39
C ASN B 57 -16.53 2.57 -14.25
N ASP B 58 -16.75 2.03 -13.07
CA ASP B 58 -17.10 2.85 -11.91
C ASP B 58 -15.93 3.65 -11.37
N LEU B 59 -14.73 3.19 -11.68
CA LEU B 59 -13.50 3.75 -11.10
C LEU B 59 -12.51 4.30 -12.08
N LEU B 60 -11.62 5.11 -11.53
CA LEU B 60 -10.49 5.59 -12.28
C LEU B 60 -9.32 5.63 -11.30
N VAL B 61 -8.11 5.64 -11.80
CA VAL B 61 -7.00 5.60 -10.89
C VAL B 61 -6.14 6.84 -11.15
N ARG B 62 -5.57 7.41 -10.08
CA ARG B 62 -4.80 8.63 -10.18
C ARG B 62 -3.38 8.46 -9.65
N ILE B 63 -2.42 8.67 -10.54
CA ILE B 63 -1.00 8.43 -10.23
C ILE B 63 -0.16 9.71 -10.17
N GLY B 64 0.84 9.70 -9.30
CA GLY B 64 1.74 10.83 -9.15
C GLY B 64 1.26 11.93 -8.21
N LYS B 65 0.29 11.61 -7.37
CA LYS B 65 -0.29 12.64 -6.51
C LYS B 65 0.43 12.86 -5.22
N HIS B 66 0.13 13.99 -4.60
CA HIS B 66 0.68 14.34 -3.30
C HIS B 66 -0.49 14.89 -2.49
N SER B 67 -1.10 15.94 -3.03
CA SER B 67 -2.27 16.55 -2.43
C SER B 67 -3.43 15.59 -2.55
N ARG B 68 -4.19 15.43 -1.46
CA ARG B 68 -5.35 14.57 -1.49
C ARG B 68 -6.47 15.05 -2.44
N THR B 69 -6.82 16.33 -2.37
CA THR B 69 -7.94 16.84 -3.16
C THR B 69 -7.64 17.69 -4.41
N ARG B 70 -6.60 18.52 -4.39
CA ARG B 70 -6.30 19.31 -5.59
C ARG B 70 -6.03 18.43 -6.80
N TYR B 71 -6.33 18.94 -7.98
CA TYR B 71 -5.98 18.26 -9.21
C TYR B 71 -4.61 18.84 -9.50
N GLU B 72 -3.59 17.99 -9.51
CA GLU B 72 -2.20 18.43 -9.70
C GLU B 72 -1.81 18.43 -11.16
N ARG B 73 -2.13 19.56 -11.79
CA ARG B 73 -1.90 19.80 -13.21
CA ARG B 73 -1.91 19.77 -13.22
C ARG B 73 -0.47 19.56 -13.66
N ASN B 74 -0.30 18.85 -14.77
CA ASN B 74 1.01 18.58 -15.33
C ASN B 74 1.86 17.66 -14.49
N ILE B 75 1.31 17.15 -13.40
CA ILE B 75 2.05 16.25 -12.54
C ILE B 75 1.36 14.91 -12.39
N GLU B 76 0.11 14.93 -11.94
CA GLU B 76 -0.60 13.69 -11.75
C GLU B 76 -1.04 13.18 -13.10
N LYS B 77 -1.54 11.96 -13.12
CA LYS B 77 -1.95 11.31 -14.34
C LYS B 77 -3.12 10.42 -13.99
N ILE B 78 -4.18 10.51 -14.79
CA ILE B 78 -5.40 9.77 -14.56
C ILE B 78 -5.56 8.70 -15.62
N SER B 79 -5.91 7.50 -15.20
CA SER B 79 -6.05 6.37 -16.12
C SER B 79 -7.30 5.57 -15.83
N MET B 80 -7.98 5.09 -16.87
CA MET B 80 -9.17 4.28 -16.70
C MET B 80 -8.66 2.84 -16.56
N LEU B 81 -9.55 1.93 -16.18
CA LEU B 81 -9.19 0.54 -16.00
C LEU B 81 -9.72 -0.35 -17.10
N GLU B 82 -8.87 -1.24 -17.61
CA GLU B 82 -9.32 -2.17 -18.62
C GLU B 82 -9.92 -3.38 -17.92
N LYS B 83 -9.29 -3.83 -16.84
CA LYS B 83 -9.75 -5.03 -16.18
C LYS B 83 -9.38 -4.99 -14.71
N ILE B 84 -10.15 -5.75 -13.92
CA ILE B 84 -9.96 -5.87 -12.50
C ILE B 84 -9.87 -7.34 -12.19
N TYR B 85 -8.85 -7.73 -11.43
CA TYR B 85 -8.73 -9.13 -11.06
C TYR B 85 -8.63 -9.32 -9.55
N ILE B 86 -9.72 -9.77 -8.96
CA ILE B 86 -9.76 -10.04 -7.53
C ILE B 86 -9.22 -11.45 -7.33
N HIS B 87 -8.39 -11.65 -6.33
CA HIS B 87 -7.94 -13.00 -6.07
C HIS B 87 -9.19 -13.86 -5.95
N PRO B 88 -9.18 -15.04 -6.59
CA PRO B 88 -10.34 -15.94 -6.59
C PRO B 88 -10.71 -16.54 -5.25
N ARG B 89 -9.77 -16.58 -4.32
CA ARG B 89 -10.04 -17.15 -3.00
C ARG B 89 -10.01 -16.10 -1.90
N TYR B 90 -10.23 -14.85 -2.33
CA TYR B 90 -10.37 -13.72 -1.42
C TYR B 90 -11.57 -14.01 -0.55
N ASN B 91 -11.32 -14.12 0.76
CA ASN B 91 -12.35 -14.46 1.75
C ASN B 91 -13.02 -13.25 2.41
N TRP B 92 -14.01 -12.67 1.75
CA TRP B 92 -14.70 -11.51 2.29
C TRP B 92 -15.73 -11.84 3.36
N ARG B 93 -16.10 -13.12 3.45
CA ARG B 93 -17.07 -13.57 4.42
C ARG B 93 -16.57 -13.52 5.83
N GLU B 94 -15.31 -13.89 6.03
CA GLU B 94 -14.77 -13.95 7.38
C GLU B 94 -13.68 -12.93 7.72
N ASN B 95 -12.44 -13.20 7.32
CA ASN B 95 -11.31 -12.39 7.73
C ASN B 95 -10.48 -11.66 6.68
N LEU B 96 -11.01 -11.48 5.49
CA LEU B 96 -10.27 -10.79 4.42
C LEU B 96 -9.00 -11.50 3.98
N ASP B 97 -8.94 -12.82 4.16
CA ASP B 97 -7.78 -13.62 3.70
C ASP B 97 -7.57 -13.34 2.21
N ARG B 98 -6.33 -13.13 1.80
CA ARG B 98 -6.01 -12.86 0.39
C ARG B 98 -6.67 -11.59 -0.09
N ASP B 99 -6.61 -10.56 0.73
CA ASP B 99 -7.19 -9.28 0.41
C ASP B 99 -6.27 -8.60 -0.57
N ILE B 100 -6.40 -8.99 -1.83
CA ILE B 100 -5.54 -8.47 -2.90
C ILE B 100 -6.22 -8.44 -4.25
N ALA B 101 -5.86 -7.47 -5.06
CA ALA B 101 -6.43 -7.37 -6.38
C ALA B 101 -5.49 -6.66 -7.33
N LEU B 102 -5.58 -7.03 -8.60
CA LEU B 102 -4.76 -6.42 -9.66
C LEU B 102 -5.71 -5.71 -10.58
N MET B 103 -5.27 -4.54 -11.01
CA MET B 103 -6.06 -3.74 -11.91
C MET B 103 -5.20 -3.40 -13.11
N LYS B 104 -5.72 -3.69 -14.31
CA LYS B 104 -4.98 -3.40 -15.53
C LYS B 104 -5.49 -2.11 -16.16
N LEU B 105 -4.58 -1.19 -16.41
CA LEU B 105 -4.94 0.08 -17.02
C LEU B 105 -5.26 -0.11 -18.48
N LYS B 106 -6.14 0.74 -19.03
CA LYS B 106 -6.50 0.67 -20.45
C LYS B 106 -5.34 1.06 -21.32
N LYS B 107 -4.63 2.09 -20.89
CA LYS B 107 -3.51 2.59 -21.65
C LYS B 107 -2.33 2.73 -20.69
N PRO B 108 -1.17 2.18 -21.10
CA PRO B 108 0.06 2.25 -20.33
C PRO B 108 0.45 3.67 -20.00
N VAL B 109 0.88 3.88 -18.77
CA VAL B 109 1.26 5.20 -18.29
C VAL B 109 2.77 5.44 -18.47
N ALA B 110 3.14 6.70 -18.63
CA ALA B 110 4.52 7.07 -18.80
C ALA B 110 5.08 7.43 -17.45
N PHE B 111 6.31 6.98 -17.19
CA PHE B 111 6.92 7.26 -15.93
C PHE B 111 7.42 8.70 -15.88
N SER B 112 7.82 9.15 -14.70
CA SER B 112 8.27 10.50 -14.51
C SER B 112 8.92 10.54 -13.16
N ASP B 113 9.27 11.74 -12.72
CA ASP B 113 9.90 11.93 -11.45
C ASP B 113 8.97 11.64 -10.31
N TYR B 114 7.67 11.63 -10.60
CA TYR B 114 6.65 11.43 -9.56
C TYR B 114 5.89 10.14 -9.74
N ILE B 115 6.15 9.48 -10.86
CA ILE B 115 5.49 8.24 -11.23
C ILE B 115 6.52 7.18 -11.58
N HIS B 116 6.68 6.21 -10.69
CA HIS B 116 7.66 5.16 -10.88
C HIS B 116 7.24 3.94 -10.05
N PRO B 117 7.35 2.75 -10.62
CA PRO B 117 6.91 1.54 -9.93
C PRO B 117 7.80 0.96 -8.83
N VAL B 118 7.15 0.30 -7.86
CA VAL B 118 7.83 -0.38 -6.77
C VAL B 118 8.11 -1.82 -7.25
N CYS B 119 9.05 -2.50 -6.61
CA CYS B 119 9.44 -3.84 -7.01
C CYS B 119 8.64 -4.80 -6.20
N LEU B 120 8.33 -5.94 -6.79
CA LEU B 120 7.66 -7.00 -6.07
C LEU B 120 8.76 -7.88 -5.48
N PRO B 121 8.50 -8.45 -4.32
CA PRO B 121 9.49 -9.27 -3.68
C PRO B 121 9.58 -10.66 -4.28
N ASP B 122 10.70 -11.33 -4.02
CA ASP B 122 10.91 -12.72 -4.41
C ASP B 122 11.24 -13.49 -3.11
N ARG B 123 11.56 -14.77 -3.18
CA ARG B 123 11.83 -15.56 -1.97
C ARG B 123 12.97 -15.00 -1.09
N GLU B 124 14.02 -14.49 -1.71
CA GLU B 124 15.13 -14.01 -0.89
C GLU B 124 14.77 -12.68 -0.24
N THR B 125 14.20 -11.76 -0.99
CA THR B 125 13.78 -10.49 -0.44
C THR B 125 12.90 -10.70 0.80
N ALA B 126 11.96 -11.62 0.70
CA ALA B 126 11.05 -11.93 1.81
C ALA B 126 11.76 -12.54 3.00
N ALA B 127 12.61 -13.53 2.75
CA ALA B 127 13.35 -14.20 3.82
C ALA B 127 14.23 -13.19 4.55
N SER B 128 14.92 -12.37 3.78
CA SER B 128 15.81 -11.41 4.38
C SER B 128 15.11 -10.22 5.05
N LEU B 129 14.04 -9.69 4.47
CA LEU B 129 13.39 -8.49 5.05
C LEU B 129 12.17 -8.64 5.96
N LEU B 130 11.37 -9.70 5.78
CA LEU B 130 10.19 -9.89 6.62
C LEU B 130 10.50 -10.57 7.90
N GLN B 131 11.02 -9.80 8.83
CA GLN B 131 11.36 -10.33 10.11
C GLN B 131 10.89 -9.39 11.22
N ALA B 132 10.41 -10.00 12.29
CA ALA B 132 9.95 -9.21 13.44
C ALA B 132 11.01 -8.20 13.85
N GLY B 133 10.60 -6.96 14.08
CA GLY B 133 11.55 -5.95 14.48
C GLY B 133 12.03 -5.11 13.30
N TYR B 134 12.07 -5.67 12.08
CA TYR B 134 12.47 -4.81 10.95
C TYR B 134 11.34 -3.84 10.61
N LYS B 135 11.69 -2.65 10.13
CA LYS B 135 10.70 -1.66 9.83
C LYS B 135 10.45 -1.48 8.37
N GLY B 136 9.18 -1.24 8.06
CA GLY B 136 8.71 -0.96 6.71
C GLY B 136 7.97 0.35 6.78
N ARG B 137 7.50 0.82 5.63
CA ARG B 137 6.84 2.11 5.52
C ARG B 137 5.47 2.02 4.85
N VAL B 138 4.48 2.65 5.48
CA VAL B 138 3.12 2.67 4.97
C VAL B 138 2.74 4.09 4.56
N THR B 139 2.03 4.21 3.45
CA THR B 139 1.62 5.50 2.96
C THR B 139 0.16 5.49 2.56
N GLY B 140 -0.50 6.62 2.72
CA GLY B 140 -1.89 6.76 2.32
C GLY B 140 -2.51 8.09 2.63
N TRP B 141 -3.66 8.35 2.02
CA TRP B 141 -4.43 9.57 2.28
C TRP B 141 -5.61 9.24 3.19
N GLY B 142 -5.53 8.11 3.87
CA GLY B 142 -6.58 7.68 4.76
C GLY B 142 -6.72 8.58 5.99
N ASN B 143 -7.54 8.14 6.94
CA ASN B 143 -7.83 8.92 8.12
C ASN B 143 -6.69 9.10 9.11
N LEU B 144 -6.68 10.29 9.70
CA LEU B 144 -5.74 10.72 10.72
C LEU B 144 -6.18 10.27 12.11
N LYS B 145 -7.36 9.66 12.18
CA LYS B 145 -7.93 9.18 13.43
C LYS B 145 -9.16 8.33 13.15
N GLU B 146 -9.75 7.79 14.21
CA GLU B 146 -10.96 7.01 14.09
C GLU B 146 -12.05 8.07 13.93
N THR B 147 -12.56 8.24 12.73
CA THR B 147 -13.54 9.26 12.46
C THR B 147 -14.96 8.84 12.79
N TRP B 148 -15.15 7.55 13.03
CA TRP B 148 -16.49 7.04 13.34
C TRP B 148 -16.93 7.36 14.76
N THR B 149 -16.14 8.14 15.48
CA THR B 149 -16.52 8.51 16.84
C THR B 149 -15.93 9.88 17.10
N ALA B 150 -16.51 10.61 18.05
CA ALA B 150 -16.03 11.97 18.34
C ALA B 150 -14.56 11.96 18.74
N ASN B 151 -13.77 12.75 18.03
CA ASN B 151 -12.34 12.89 18.27
C ASN B 151 -11.87 14.24 17.78
N VAL B 152 -10.82 14.76 18.39
CA VAL B 152 -10.30 16.04 18.00
C VAL B 152 -9.40 15.90 16.78
N GLY B 153 -9.22 16.99 16.05
CA GLY B 153 -8.33 16.99 14.91
C GLY B 153 -9.03 16.79 13.60
N LYS B 154 -8.29 17.03 12.52
CA LYS B 154 -8.80 16.81 11.18
C LYS B 154 -8.98 15.32 10.92
N GLY B 155 -9.86 14.99 10.00
CA GLY B 155 -10.12 13.61 9.64
C GLY B 155 -9.20 13.15 8.54
N GLN B 156 -9.05 13.96 7.50
CA GLN B 156 -8.18 13.64 6.38
C GLN B 156 -7.00 14.59 6.30
N PRO B 157 -5.87 14.09 5.80
CA PRO B 157 -4.73 14.94 5.61
C PRO B 157 -4.96 15.69 4.32
N SER B 158 -4.22 16.75 4.09
CA SER B 158 -4.38 17.47 2.84
C SER B 158 -3.31 16.96 1.89
N VAL B 159 -2.31 16.31 2.46
CA VAL B 159 -1.21 15.71 1.72
C VAL B 159 -0.94 14.26 2.12
N LEU B 160 -0.41 13.49 1.18
CA LEU B 160 -0.04 12.09 1.42
C LEU B 160 0.75 11.97 2.70
N GLN B 161 0.39 11.00 3.52
CA GLN B 161 1.04 10.77 4.79
C GLN B 161 1.96 9.55 4.71
N VAL B 162 2.92 9.49 5.63
CA VAL B 162 3.85 8.40 5.67
C VAL B 162 4.20 8.09 7.10
N VAL B 163 4.36 6.80 7.40
CA VAL B 163 4.75 6.37 8.73
C VAL B 163 5.57 5.07 8.63
N ASN B 164 6.61 4.96 9.45
CA ASN B 164 7.46 3.76 9.45
C ASN B 164 7.07 2.91 10.64
N LEU B 165 6.97 1.60 10.43
CA LEU B 165 6.55 0.71 11.49
C LEU B 165 7.24 -0.63 11.47
N PRO B 166 7.49 -1.18 12.66
CA PRO B 166 8.14 -2.46 12.69
C PRO B 166 7.18 -3.62 12.50
N ILE B 167 7.69 -4.65 11.85
CA ILE B 167 6.96 -5.88 11.69
C ILE B 167 6.89 -6.52 13.08
N VAL B 168 5.80 -7.23 13.36
CA VAL B 168 5.60 -7.83 14.68
C VAL B 168 5.56 -9.35 14.62
N GLU B 169 6.05 -10.00 15.68
CA GLU B 169 6.07 -11.47 15.80
C GLU B 169 4.69 -12.02 15.56
N ARG B 170 4.60 -13.07 14.77
CA ARG B 170 3.30 -13.63 14.44
C ARG B 170 2.42 -14.02 15.64
N PRO B 171 2.99 -14.62 16.69
CA PRO B 171 2.13 -14.99 17.84
C PRO B 171 1.51 -13.78 18.52
N VAL B 172 2.25 -12.69 18.55
CA VAL B 172 1.74 -11.44 19.11
C VAL B 172 0.53 -10.98 18.30
N CYS B 173 0.72 -10.83 17.00
CA CYS B 173 -0.37 -10.48 16.08
C CYS B 173 -1.61 -11.33 16.41
N LYS B 174 -1.39 -12.64 16.49
CA LYS B 174 -2.47 -13.59 16.73
C LYS B 174 -3.22 -13.36 18.04
N ASP B 175 -2.48 -13.06 19.10
CA ASP B 175 -3.09 -12.86 20.41
C ASP B 175 -3.68 -11.47 20.56
N SER B 176 -3.37 -10.59 19.62
CA SER B 176 -3.87 -9.23 19.69
C SER B 176 -5.32 -9.10 19.23
N THR B 177 -5.88 -10.15 18.63
CA THR B 177 -7.23 -10.06 18.07
C THR B 177 -7.96 -11.40 18.06
N ARG B 178 -9.28 -11.33 17.90
CA ARG B 178 -10.07 -12.53 17.88
C ARG B 178 -10.43 -12.93 16.49
N ILE B 179 -10.06 -12.10 15.54
CA ILE B 179 -10.28 -12.38 14.13
C ILE B 179 -9.20 -13.39 13.75
N ARG B 180 -9.56 -14.35 12.90
CA ARG B 180 -8.61 -15.40 12.51
C ARG B 180 -7.55 -14.86 11.55
N ILE B 181 -6.29 -15.08 11.91
CA ILE B 181 -5.15 -14.63 11.14
C ILE B 181 -4.68 -15.77 10.25
N THR B 182 -4.10 -15.46 9.09
CA THR B 182 -3.59 -16.51 8.20
C THR B 182 -2.19 -16.16 7.81
N ASP B 183 -1.52 -17.11 7.17
CA ASP B 183 -0.18 -16.89 6.69
C ASP B 183 -0.14 -15.86 5.56
N ASN B 184 -1.31 -15.49 5.04
CA ASN B 184 -1.36 -14.52 3.96
C ASN B 184 -1.45 -13.13 4.54
N MET B 185 -1.22 -13.05 5.84
CA MET B 185 -1.26 -11.77 6.53
C MET B 185 -0.06 -11.61 7.42
N PHE B 186 0.34 -10.38 7.61
CA PHE B 186 1.35 -10.06 8.61
C PHE B 186 0.87 -8.78 9.31
N CYS B 187 1.29 -8.56 10.55
CA CYS B 187 0.87 -7.36 11.24
C CYS B 187 2.11 -6.57 11.60
N ALA B 188 1.91 -5.26 11.77
CA ALA B 188 2.99 -4.35 12.02
C ALA B 188 2.48 -3.19 12.89
N GLY B 189 3.43 -2.53 13.55
CA GLY B 189 3.15 -1.41 14.43
C GLY B 189 3.97 -1.54 15.71
N TYR B 190 3.96 -0.49 16.52
CA TYR B 190 4.68 -0.50 17.80
C TYR B 190 3.88 -1.14 18.92
N LYS B 191 4.60 -1.76 19.86
CA LYS B 191 3.95 -2.36 21.02
C LYS B 191 3.80 -1.25 22.06
N PRO B 192 2.86 -1.40 23.00
CA PRO B 192 2.67 -0.32 23.99
C PRO B 192 3.96 0.10 24.68
N ASP B 193 4.69 -0.89 25.23
CA ASP B 193 5.98 -0.64 25.92
C ASP B 193 7.03 0.07 25.09
N GLU B 194 6.90 0.11 23.77
CA GLU B 194 7.89 0.78 22.94
C GLU B 194 7.66 2.27 22.92
N GLY B 195 6.52 2.69 23.44
CA GLY B 195 6.20 4.11 23.54
C GLY B 195 6.08 4.89 22.24
N LYS B 196 6.30 4.27 21.10
CA LYS B 196 6.12 4.99 19.84
C LYS B 196 4.72 4.67 19.27
N ARG B 197 4.31 5.48 18.28
CA ARG B 197 2.96 5.42 17.71
C ARG B 197 2.94 5.37 16.19
N GLY B 198 1.81 4.95 15.63
CA GLY B 198 1.63 4.88 14.19
C GLY B 198 0.82 3.68 13.73
N ASP B 199 0.04 3.88 12.66
CA ASP B 199 -0.80 2.83 12.12
C ASP B 199 -1.46 3.40 10.89
N ALA B 200 -2.02 2.49 10.10
CA ALA B 200 -2.77 2.84 8.92
C ALA B 200 -4.19 2.89 9.46
N CYS B 201 -5.11 3.39 8.65
CA CYS B 201 -6.48 3.53 9.12
C CYS B 201 -7.43 3.39 7.93
N GLU B 202 -8.73 3.61 8.15
CA GLU B 202 -9.68 3.55 7.05
C GLU B 202 -9.25 4.53 5.96
N GLY B 203 -9.47 4.14 4.71
CA GLY B 203 -9.05 4.97 3.56
C GLY B 203 -7.64 4.70 3.07
N ASP B 204 -6.86 3.94 3.85
CA ASP B 204 -5.49 3.60 3.49
C ASP B 204 -5.39 2.26 2.79
N SER B 205 -6.39 1.40 2.98
CA SER B 205 -6.41 0.08 2.35
C SER B 205 -5.94 0.15 0.91
N GLY B 206 -5.19 -0.87 0.49
CA GLY B 206 -4.67 -0.90 -0.88
C GLY B 206 -3.31 -0.27 -1.02
N GLY B 207 -3.01 0.64 -0.10
CA GLY B 207 -1.71 1.29 -0.07
C GLY B 207 -0.66 0.26 0.29
N PRO B 208 0.58 0.53 -0.14
CA PRO B 208 1.72 -0.37 0.05
C PRO B 208 2.47 -0.26 1.36
N PHE B 209 3.00 -1.38 1.82
CA PHE B 209 3.86 -1.45 3.00
C PHE B 209 5.19 -1.81 2.35
N VAL B 210 6.05 -0.83 2.18
CA VAL B 210 7.31 -1.07 1.47
C VAL B 210 8.49 -1.18 2.41
N MET B 211 9.54 -1.88 1.95
CA MET B 211 10.79 -2.00 2.70
C MET B 211 11.93 -1.71 1.75
N LYS B 212 12.99 -1.09 2.25
CA LYS B 212 14.16 -0.84 1.41
C LYS B 212 15.20 -1.92 1.60
N SER B 213 15.66 -2.53 0.51
CA SER B 213 16.70 -3.54 0.57
C SER B 213 18.04 -2.85 0.82
N PRO B 214 18.69 -3.18 1.94
CA PRO B 214 19.96 -2.56 2.24
C PRO B 214 21.04 -3.08 1.30
N PHE B 215 20.72 -4.16 0.61
CA PHE B 215 21.63 -4.86 -0.29
C PHE B 215 21.69 -4.32 -1.71
N ASN B 216 20.54 -3.94 -2.28
CA ASN B 216 20.57 -3.40 -3.64
C ASN B 216 19.99 -2.01 -3.69
N ASN B 217 19.59 -1.52 -2.53
CA ASN B 217 19.09 -0.15 -2.40
C ASN B 217 17.71 0.10 -3.04
N ARG B 218 16.96 -0.95 -3.34
CA ARG B 218 15.65 -0.79 -3.96
C ARG B 218 14.50 -0.92 -2.97
N TRP B 219 13.36 -0.38 -3.38
CA TRP B 219 12.18 -0.47 -2.57
C TRP B 219 11.30 -1.61 -3.05
N TYR B 220 10.91 -2.48 -2.12
CA TYR B 220 10.07 -3.63 -2.38
C TYR B 220 8.75 -3.55 -1.64
N GLN B 221 7.67 -3.84 -2.34
CA GLN B 221 6.37 -3.82 -1.68
C GLN B 221 6.15 -5.18 -1.05
N MET B 222 6.14 -5.23 0.28
CA MET B 222 5.98 -6.49 0.99
C MET B 222 4.56 -6.74 1.43
N GLY B 223 3.78 -5.67 1.55
CA GLY B 223 2.40 -5.81 2.02
C GLY B 223 1.42 -4.80 1.50
N ILE B 224 0.14 -5.07 1.74
CA ILE B 224 -0.92 -4.17 1.33
C ILE B 224 -1.78 -3.89 2.54
N VAL B 225 -2.09 -2.62 2.78
CA VAL B 225 -2.96 -2.29 3.90
C VAL B 225 -4.26 -3.07 3.71
N SER B 226 -4.62 -3.92 4.68
CA SER B 226 -5.84 -4.71 4.58
C SER B 226 -6.89 -4.38 5.65
N TRP B 227 -6.54 -4.54 6.91
CA TRP B 227 -7.48 -4.29 7.98
C TRP B 227 -6.88 -3.91 9.33
N GLY B 228 -7.76 -3.75 10.31
CA GLY B 228 -7.38 -3.39 11.66
C GLY B 228 -8.59 -3.32 12.56
N GLU B 229 -8.37 -2.94 13.81
CA GLU B 229 -9.45 -2.81 14.78
C GLU B 229 -9.16 -1.48 15.46
N GLY B 230 -9.90 -0.46 15.06
CA GLY B 230 -9.65 0.89 15.54
C GLY B 230 -8.45 1.38 14.76
N CYS B 231 -7.84 2.47 15.21
CA CYS B 231 -6.64 2.98 14.59
C CYS B 231 -5.63 3.40 15.67
N ASP B 232 -4.42 2.87 15.56
CA ASP B 232 -3.35 3.21 16.48
C ASP B 232 -3.68 2.93 17.94
N ARG B 233 -4.46 1.90 18.21
CA ARG B 233 -4.76 1.53 19.57
C ARG B 233 -3.66 0.67 20.17
N ASP B 234 -3.46 0.84 21.48
CA ASP B 234 -2.48 0.08 22.23
C ASP B 234 -2.87 -1.37 22.22
N GLY B 235 -1.94 -2.24 21.86
CA GLY B 235 -2.20 -3.67 21.87
C GLY B 235 -2.85 -4.17 20.61
N LYS B 236 -3.05 -3.23 19.68
CA LYS B 236 -3.59 -3.56 18.37
C LYS B 236 -2.48 -3.29 17.37
N TYR B 237 -2.55 -3.99 16.24
CA TYR B 237 -1.54 -3.85 15.19
C TYR B 237 -2.26 -3.84 13.83
N GLY B 238 -1.75 -3.05 12.90
CA GLY B 238 -2.35 -3.00 11.59
C GLY B 238 -2.06 -4.30 10.88
N PHE B 239 -3.00 -4.78 10.07
CA PHE B 239 -2.80 -6.02 9.31
C PHE B 239 -2.61 -5.74 7.83
N TYR B 240 -1.70 -6.48 7.24
CA TYR B 240 -1.29 -6.28 5.85
C TYR B 240 -1.33 -7.56 5.04
N THR B 241 -1.75 -7.46 3.79
CA THR B 241 -1.79 -8.63 2.93
C THR B 241 -0.33 -9.03 2.69
N HIS B 242 -0.01 -10.31 2.81
CA HIS B 242 1.37 -10.79 2.60
C HIS B 242 1.63 -10.95 1.11
N VAL B 243 2.27 -9.97 0.48
CA VAL B 243 2.46 -9.99 -0.98
C VAL B 243 3.23 -11.17 -1.50
N PHE B 244 4.38 -11.45 -0.93
CA PHE B 244 5.12 -12.61 -1.40
C PHE B 244 4.35 -13.94 -1.27
N ARG B 245 3.56 -14.14 -0.24
CA ARG B 245 2.81 -15.41 -0.17
C ARG B 245 1.82 -15.49 -1.32
N LEU B 246 1.53 -14.37 -1.97
CA LEU B 246 0.55 -14.38 -3.06
C LEU B 246 1.20 -14.08 -4.40
N LYS B 247 2.50 -14.21 -4.43
CA LYS B 247 3.29 -13.89 -5.61
C LYS B 247 2.95 -14.76 -6.80
N LYS B 248 2.74 -16.05 -6.56
CA LYS B 248 2.43 -16.97 -7.64
C LYS B 248 1.20 -16.55 -8.41
N TRP B 249 0.14 -16.18 -7.68
CA TRP B 249 -1.08 -15.72 -8.35
C TRP B 249 -0.76 -14.42 -9.12
N ILE B 250 -0.07 -13.52 -8.46
CA ILE B 250 0.23 -12.27 -9.10
C ILE B 250 0.92 -12.46 -10.43
N GLN B 251 2.00 -13.24 -10.44
CA GLN B 251 2.78 -13.41 -11.68
C GLN B 251 1.97 -14.20 -12.71
N LYS B 252 1.13 -15.10 -12.23
CA LYS B 252 0.30 -15.90 -13.12
C LYS B 252 -0.62 -15.01 -13.95
N VAL B 253 -1.15 -13.97 -13.30
CA VAL B 253 -2.06 -13.03 -13.93
C VAL B 253 -1.29 -12.03 -14.80
N ILE B 254 -0.24 -11.45 -14.27
CA ILE B 254 0.51 -10.45 -15.03
C ILE B 254 1.15 -10.98 -16.32
N ASP B 255 1.66 -12.20 -16.29
CA ASP B 255 2.33 -12.81 -17.45
C ASP B 255 1.44 -13.62 -18.36
N GLN B 256 0.17 -13.76 -17.97
CA GLN B 256 -0.80 -14.61 -18.69
C GLN B 256 -0.91 -14.34 -20.19
N PHE B 257 -1.12 -13.09 -20.54
CA PHE B 257 -1.27 -12.69 -21.93
C PHE B 257 -0.09 -11.90 -22.43
N GLY B 258 0.16 -11.96 -23.74
CA GLY B 258 1.23 -11.18 -24.36
C GLY B 258 0.84 -9.71 -24.56
N GLU B 259 -0.23 -9.27 -23.90
CA GLU B 259 -0.72 -7.86 -23.97
C GLU B 259 -0.72 -7.16 -22.61
#